data_3W25
#
_entry.id   3W25
#
_cell.length_a   77.112
_cell.length_b   118.607
_cell.length_c   45.362
_cell.angle_alpha   90.00
_cell.angle_beta   90.00
_cell.angle_gamma   90.00
#
_symmetry.space_group_name_H-M   'P 21 21 2'
#
loop_
_entity.id
_entity.type
_entity.pdbx_description
1 polymer 'Glycoside hydrolase family 10'
2 branched beta-D-xylopyranose-(1-4)-beta-D-xylopyranose
3 water water
#
_entity_poly.entity_id   1
_entity_poly.type   'polypeptide(L)'
_entity_poly.pdbx_seq_one_letter_code
;TIQNDIPDLYSVFKDYFPIGVAVDPSRLNDADPHAQLTAKHFNMLVAENAMKPESLQPTEGNFTFDNADKIVDYAIAHNM
KMRGHTLLWHNQVPDWFFQDPSDPSKPASRDLLLQRLRTHITTVLDHFKTKYGSQNPIIGWDVVNAVLDDNGNLRNSKWL
QIIGPDYIEKAFEYAHEADPSMKLFINDYNIENNGVKTQAMYDLVKKLKNEGVPINGIGMQMHISINSNIDNIKASIEKL
ASLGVEIQVTELDMNMNGDVSNDALLKQARLYKQLFDLFKAEKQYITAVVFWGVSDDVSWLSKPNAPLLFDSKLQAKPAY
WAIVDLGKAIPDIQSA
;
_entity_poly.pdbx_strand_id   A
#
# COMPACT_ATOMS: atom_id res chain seq x y z
N THR A 1 23.69 6.94 -11.94
CA THR A 1 24.21 5.58 -11.62
C THR A 1 24.18 5.33 -10.10
N ILE A 2 23.98 4.10 -9.73
CA ILE A 2 23.85 3.86 -8.31
C ILE A 2 25.11 3.46 -7.58
N GLN A 3 25.06 3.55 -6.26
CA GLN A 3 26.18 3.10 -5.41
C GLN A 3 26.01 1.62 -5.18
N ASN A 4 26.89 0.84 -5.81
CA ASN A 4 26.77 -0.60 -5.71
C ASN A 4 27.30 -1.27 -4.48
N ASP A 5 28.20 -0.63 -3.77
CA ASP A 5 28.80 -1.28 -2.65
C ASP A 5 28.32 -0.90 -1.27
N ILE A 6 27.37 0.05 -1.16
CA ILE A 6 26.81 0.39 0.16
C ILE A 6 25.86 -0.76 0.59
N PRO A 7 25.55 -0.87 1.86
CA PRO A 7 24.67 -1.94 2.31
C PRO A 7 23.28 -2.02 1.60
N ASP A 8 22.82 -3.23 1.40
CA ASP A 8 21.46 -3.46 0.83
C ASP A 8 20.51 -3.12 1.96
N LEU A 9 19.63 -2.14 1.67
CA LEU A 9 18.78 -1.68 2.76
C LEU A 9 18.03 -2.75 3.49
N TYR A 10 17.34 -3.62 2.74
CA TYR A 10 16.52 -4.62 3.44
C TYR A 10 17.29 -5.54 4.38
N SER A 11 18.57 -5.75 4.01
CA SER A 11 19.43 -6.66 4.81
C SER A 11 19.64 -6.17 6.23
N VAL A 12 19.56 -4.88 6.45
CA VAL A 12 19.72 -4.27 7.77
C VAL A 12 18.54 -4.65 8.65
N PHE A 13 17.41 -4.99 8.02
CA PHE A 13 16.21 -5.32 8.76
C PHE A 13 15.76 -6.74 8.66
N LYS A 14 16.68 -7.60 8.29
CA LYS A 14 16.35 -9.01 8.17
C LYS A 14 15.78 -9.65 9.45
N ASP A 15 16.18 -9.20 10.64
CA ASP A 15 15.61 -9.79 11.83
C ASP A 15 14.37 -9.09 12.33
N TYR A 16 13.80 -8.22 11.47
CA TYR A 16 12.63 -7.47 11.84
C TYR A 16 11.46 -7.65 10.87
N PHE A 17 11.66 -7.29 9.62
CA PHE A 17 10.59 -7.38 8.63
C PHE A 17 11.12 -7.09 7.27
N PRO A 18 10.44 -7.52 6.21
CA PRO A 18 10.86 -7.19 4.85
C PRO A 18 10.71 -5.65 4.61
N ILE A 19 11.57 -5.18 3.72
CA ILE A 19 11.54 -3.74 3.32
C ILE A 19 11.26 -3.74 1.83
N GLY A 20 10.13 -3.09 1.49
CA GLY A 20 9.65 -3.07 0.12
C GLY A 20 9.56 -1.72 -0.53
N VAL A 21 9.21 -1.70 -1.78
CA VAL A 21 9.12 -0.45 -2.54
C VAL A 21 8.00 -0.62 -3.60
N ALA A 22 7.33 0.52 -3.86
CA ALA A 22 6.33 0.64 -4.93
C ALA A 22 6.97 0.98 -6.19
N VAL A 23 6.67 0.25 -7.28
CA VAL A 23 7.31 0.47 -8.56
C VAL A 23 6.36 0.64 -9.73
N ASP A 24 6.93 1.16 -10.81
CA ASP A 24 6.28 1.44 -12.10
C ASP A 24 6.82 0.34 -13.05
N PRO A 25 5.96 -0.31 -13.85
CA PRO A 25 6.40 -1.36 -14.75
C PRO A 25 7.41 -0.92 -15.78
N SER A 26 7.53 0.35 -16.04
CA SER A 26 8.52 0.84 -17.04
C SER A 26 9.91 1.02 -16.43
N ARG A 27 10.11 0.71 -15.15
CA ARG A 27 11.39 0.90 -14.47
C ARG A 27 11.93 -0.38 -13.95
N LEU A 28 11.82 -1.42 -14.76
CA LEU A 28 12.24 -2.78 -14.38
C LEU A 28 13.32 -3.45 -15.25
N ASN A 29 13.76 -2.76 -16.26
CA ASN A 29 14.79 -3.25 -17.21
C ASN A 29 16.12 -3.36 -16.45
N ASP A 30 16.91 -4.41 -16.73
CA ASP A 30 18.20 -4.59 -16.06
C ASP A 30 19.20 -3.45 -16.15
N ALA A 31 19.15 -2.73 -17.24
CA ALA A 31 20.05 -1.61 -17.48
C ALA A 31 19.55 -0.31 -16.88
N ASP A 32 18.35 -0.33 -16.37
CA ASP A 32 17.76 0.92 -15.85
C ASP A 32 18.24 1.12 -14.38
N PRO A 33 18.90 2.25 -14.05
CA PRO A 33 19.37 2.46 -12.68
C PRO A 33 18.23 2.38 -11.63
N HIS A 34 17.00 2.74 -11.99
CA HIS A 34 15.90 2.62 -10.99
C HIS A 34 15.65 1.16 -10.67
N ALA A 35 15.74 0.28 -11.69
CA ALA A 35 15.59 -1.14 -11.46
C ALA A 35 16.76 -1.67 -10.63
N GLN A 36 17.96 -1.13 -10.88
CA GLN A 36 19.11 -1.60 -10.12
C GLN A 36 18.95 -1.24 -8.65
N LEU A 37 18.46 -0.02 -8.37
CA LEU A 37 18.21 0.35 -7.01
C LEU A 37 17.17 -0.58 -6.34
N THR A 38 16.14 -0.87 -7.14
CA THR A 38 15.04 -1.72 -6.65
C THR A 38 15.52 -3.10 -6.20
N ALA A 39 16.28 -3.73 -7.09
CA ALA A 39 16.77 -5.10 -6.80
C ALA A 39 17.82 -5.14 -5.73
N LYS A 40 18.57 -4.02 -5.60
CA LYS A 40 19.61 -4.01 -4.58
C LYS A 40 19.09 -3.85 -3.18
N HIS A 41 18.14 -2.92 -3.01
CA HIS A 41 17.72 -2.55 -1.68
C HIS A 41 16.48 -3.13 -1.06
N PHE A 42 15.69 -3.80 -1.89
CA PHE A 42 14.36 -4.23 -1.44
C PHE A 42 14.12 -5.71 -1.60
N ASN A 43 13.45 -6.30 -0.65
CA ASN A 43 13.05 -7.73 -0.78
C ASN A 43 11.53 -7.91 -0.82
N MET A 44 10.83 -6.81 -1.14
CA MET A 44 9.33 -6.79 -1.29
C MET A 44 9.01 -5.70 -2.31
N LEU A 45 8.01 -5.96 -3.15
CA LEU A 45 7.60 -5.05 -4.19
C LEU A 45 6.08 -4.86 -4.14
N VAL A 46 5.67 -3.68 -4.54
CA VAL A 46 4.21 -3.34 -4.69
C VAL A 46 4.05 -2.60 -5.99
N ALA A 47 2.93 -2.81 -6.69
CA ALA A 47 2.68 -2.00 -7.87
C ALA A 47 2.12 -0.67 -7.40
N GLU A 48 2.78 0.42 -7.81
CA GLU A 48 2.31 1.75 -7.47
C GLU A 48 0.94 2.00 -8.10
N ASN A 49 0.73 1.51 -9.31
CA ASN A 49 -0.52 1.73 -10.03
C ASN A 49 -1.04 0.55 -10.82
N ALA A 50 -0.21 -0.43 -11.19
CA ALA A 50 -0.63 -1.43 -12.15
C ALA A 50 -1.62 -2.47 -11.62
N MET A 51 -1.91 -2.50 -10.34
CA MET A 51 -2.90 -3.44 -9.83
C MET A 51 -4.17 -2.71 -9.30
N LYS A 52 -4.29 -1.41 -9.56
CA LYS A 52 -5.50 -0.69 -9.22
C LYS A 52 -6.66 -1.15 -10.12
N PRO A 53 -7.89 -0.84 -9.75
CA PRO A 53 -9.02 -1.37 -10.57
C PRO A 53 -8.99 -0.90 -11.99
N GLU A 54 -8.73 0.39 -12.28
CA GLU A 54 -8.71 0.87 -13.66
C GLU A 54 -7.58 0.23 -14.44
N SER A 55 -6.53 -0.16 -13.75
CA SER A 55 -5.34 -0.76 -14.43
C SER A 55 -5.54 -2.21 -14.72
N LEU A 56 -6.53 -2.85 -14.09
CA LEU A 56 -6.80 -4.28 -14.29
C LEU A 56 -8.06 -4.53 -15.07
N GLN A 57 -9.10 -3.70 -14.99
CA GLN A 57 -10.36 -3.98 -15.74
C GLN A 57 -10.88 -2.63 -16.23
N PRO A 58 -10.25 -2.05 -17.24
CA PRO A 58 -10.65 -0.74 -17.70
C PRO A 58 -12.03 -0.63 -18.24
N THR A 59 -12.52 -1.69 -18.90
CA THR A 59 -13.92 -1.74 -19.37
C THR A 59 -14.42 -3.10 -18.91
N GLU A 60 -15.73 -3.30 -18.80
CA GLU A 60 -16.23 -4.49 -18.13
C GLU A 60 -15.91 -5.78 -18.90
N GLY A 61 -15.26 -6.69 -18.20
CA GLY A 61 -14.84 -8.00 -18.79
C GLY A 61 -13.56 -7.93 -19.50
N ASN A 62 -12.97 -6.77 -19.71
CA ASN A 62 -11.72 -6.60 -20.45
C ASN A 62 -10.60 -6.38 -19.46
N PHE A 63 -9.95 -7.47 -19.11
CA PHE A 63 -8.89 -7.42 -18.07
C PHE A 63 -7.58 -7.22 -18.72
N THR A 64 -6.77 -6.39 -18.12
CA THR A 64 -5.44 -5.97 -18.62
C THR A 64 -4.38 -6.23 -17.57
N PHE A 65 -3.87 -7.44 -17.49
CA PHE A 65 -2.89 -7.88 -16.51
C PHE A 65 -1.46 -7.78 -16.96
N ASP A 66 -1.19 -7.30 -18.16
CA ASP A 66 0.23 -7.37 -18.60
C ASP A 66 1.16 -6.60 -17.71
N ASN A 67 0.83 -5.35 -17.34
CA ASN A 67 1.78 -4.59 -16.54
C ASN A 67 1.91 -5.19 -15.14
N ALA A 68 0.83 -5.60 -14.50
CA ALA A 68 0.88 -6.25 -13.22
C ALA A 68 1.77 -7.49 -13.28
N ASP A 69 1.59 -8.30 -14.36
CA ASP A 69 2.36 -9.54 -14.50
C ASP A 69 3.86 -9.20 -14.73
N LYS A 70 4.15 -8.11 -15.41
CA LYS A 70 5.57 -7.76 -15.60
C LYS A 70 6.19 -7.52 -14.21
N ILE A 71 5.46 -6.83 -13.30
CA ILE A 71 5.99 -6.58 -11.96
C ILE A 71 6.09 -7.87 -11.20
N VAL A 72 5.08 -8.77 -11.24
CA VAL A 72 5.15 -10.06 -10.58
C VAL A 72 6.37 -10.88 -11.10
N ASP A 73 6.58 -10.89 -12.41
CA ASP A 73 7.72 -11.67 -13.00
C ASP A 73 9.01 -11.12 -12.43
N TYR A 74 9.14 -9.82 -12.32
CA TYR A 74 10.37 -9.21 -11.78
C TYR A 74 10.52 -9.61 -10.32
N ALA A 75 9.47 -9.54 -9.50
CA ALA A 75 9.57 -9.94 -8.14
C ALA A 75 10.04 -11.40 -8.05
N ILE A 76 9.47 -12.28 -8.86
CA ILE A 76 9.89 -13.72 -8.80
C ILE A 76 11.36 -13.81 -9.16
N ALA A 77 11.78 -13.13 -10.21
CA ALA A 77 13.23 -13.16 -10.64
C ALA A 77 14.14 -12.68 -9.55
N HIS A 78 13.72 -11.76 -8.70
CA HIS A 78 14.56 -11.20 -7.64
C HIS A 78 14.29 -11.68 -6.29
N ASN A 79 13.55 -12.76 -6.16
CA ASN A 79 13.23 -13.37 -4.89
C ASN A 79 12.59 -12.37 -3.91
N MET A 80 11.61 -11.64 -4.43
CA MET A 80 10.90 -10.64 -3.61
C MET A 80 9.49 -11.09 -3.31
N LYS A 81 9.02 -10.83 -2.14
CA LYS A 81 7.58 -11.00 -1.84
C LYS A 81 6.86 -9.73 -2.41
N MET A 82 5.53 -9.80 -2.49
CA MET A 82 4.73 -8.65 -2.94
C MET A 82 3.51 -8.40 -2.08
N ARG A 83 3.08 -7.13 -2.12
CA ARG A 83 1.71 -6.80 -1.63
C ARG A 83 0.90 -6.45 -2.87
N GLY A 84 -0.40 -6.81 -2.82
CA GLY A 84 -1.36 -6.46 -3.86
C GLY A 84 -2.09 -5.15 -3.52
N HIS A 85 -1.94 -4.15 -4.35
CA HIS A 85 -2.59 -2.82 -4.12
C HIS A 85 -3.33 -2.49 -5.38
N THR A 86 -4.67 -2.40 -5.43
CA THR A 86 -5.62 -2.60 -4.32
C THR A 86 -6.95 -3.03 -5.01
N LEU A 87 -7.77 -3.77 -4.28
CA LEU A 87 -8.99 -4.29 -4.89
C LEU A 87 -10.13 -3.29 -4.94
N LEU A 88 -10.14 -2.26 -4.12
CA LEU A 88 -11.24 -1.30 -4.05
C LEU A 88 -10.71 0.00 -3.53
N TRP A 89 -11.07 1.10 -4.21
CA TRP A 89 -10.68 2.46 -3.83
C TRP A 89 -11.70 3.37 -4.52
N HIS A 90 -11.69 4.67 -4.17
CA HIS A 90 -12.58 5.66 -4.79
C HIS A 90 -11.86 6.41 -5.89
N ASN A 91 -10.58 6.22 -6.07
CA ASN A 91 -9.87 6.78 -7.20
C ASN A 91 -9.39 5.64 -8.06
N GLN A 92 -8.98 5.94 -9.29
CA GLN A 92 -8.46 4.98 -10.25
C GLN A 92 -9.32 3.73 -10.33
N VAL A 93 -10.65 3.95 -10.40
CA VAL A 93 -11.63 2.94 -10.54
C VAL A 93 -12.52 3.42 -11.69
N PRO A 94 -12.75 2.60 -12.70
CA PRO A 94 -13.55 3.08 -13.85
C PRO A 94 -15.00 3.35 -13.50
N ASP A 95 -15.52 4.39 -14.15
CA ASP A 95 -16.92 4.77 -13.96
C ASP A 95 -17.90 3.66 -14.29
N TRP A 96 -17.57 2.75 -15.23
CA TRP A 96 -18.54 1.73 -15.59
C TRP A 96 -19.03 0.91 -14.39
N PHE A 97 -18.17 0.73 -13.39
CA PHE A 97 -18.61 -0.05 -12.23
C PHE A 97 -19.91 0.48 -11.65
N PHE A 98 -20.03 1.78 -11.64
CA PHE A 98 -21.11 2.45 -10.88
C PHE A 98 -22.28 2.84 -11.75
N GLN A 99 -22.27 2.50 -13.03
CA GLN A 99 -23.35 2.87 -13.99
C GLN A 99 -24.22 1.72 -14.32
N ASP A 100 -25.53 1.98 -14.50
CA ASP A 100 -26.43 0.93 -15.00
C ASP A 100 -26.00 0.79 -16.53
N PRO A 101 -25.64 -0.39 -16.94
CA PRO A 101 -25.19 -0.48 -18.34
C PRO A 101 -26.29 -0.30 -19.39
N SER A 102 -27.56 -0.47 -19.00
CA SER A 102 -28.65 -0.21 -19.95
C SER A 102 -29.07 1.24 -19.92
N ASP A 103 -28.66 2.04 -18.95
CA ASP A 103 -28.97 3.42 -18.89
C ASP A 103 -27.83 4.04 -18.10
N PRO A 104 -26.71 4.41 -18.73
CA PRO A 104 -25.56 4.97 -18.03
C PRO A 104 -25.70 6.28 -17.38
N SER A 105 -26.88 6.86 -17.50
CA SER A 105 -27.22 8.09 -16.78
C SER A 105 -27.72 7.73 -15.34
N LYS A 106 -27.94 6.46 -15.07
CA LYS A 106 -28.46 6.00 -13.79
C LYS A 106 -27.39 5.15 -13.13
N PRO A 107 -27.40 5.09 -11.78
CA PRO A 107 -26.43 4.26 -11.05
C PRO A 107 -26.76 2.80 -11.11
N ALA A 108 -25.72 1.93 -11.00
CA ALA A 108 -25.92 0.53 -10.79
C ALA A 108 -26.62 0.30 -9.45
N SER A 109 -27.37 -0.79 -9.35
CA SER A 109 -28.00 -1.14 -8.09
C SER A 109 -26.96 -1.71 -7.11
N ARG A 110 -27.38 -1.85 -5.87
CA ARG A 110 -26.57 -2.52 -4.85
C ARG A 110 -26.18 -3.92 -5.29
N ASP A 111 -27.14 -4.75 -5.82
CA ASP A 111 -26.80 -6.10 -6.23
C ASP A 111 -25.84 -6.10 -7.41
N LEU A 112 -26.04 -5.21 -8.35
CA LEU A 112 -25.14 -5.22 -9.51
C LEU A 112 -23.75 -4.75 -9.12
N LEU A 113 -23.63 -3.73 -8.30
CA LEU A 113 -22.29 -3.26 -7.90
C LEU A 113 -21.61 -4.33 -7.05
N LEU A 114 -22.32 -5.05 -6.18
CA LEU A 114 -21.72 -6.14 -5.42
C LEU A 114 -21.32 -7.25 -6.35
N GLN A 115 -22.10 -7.61 -7.35
CA GLN A 115 -21.70 -8.66 -8.26
C GLN A 115 -20.45 -8.24 -9.02
N ARG A 116 -20.39 -7.00 -9.47
CA ARG A 116 -19.18 -6.51 -10.16
C ARG A 116 -17.98 -6.56 -9.24
N LEU A 117 -18.14 -6.20 -7.97
CA LEU A 117 -17.05 -6.23 -7.03
C LEU A 117 -16.58 -7.68 -6.84
N ARG A 118 -17.51 -8.63 -6.68
CA ARG A 118 -17.15 -9.99 -6.50
C ARG A 118 -16.42 -10.50 -7.75
N THR A 119 -16.91 -10.20 -8.94
CA THR A 119 -16.27 -10.66 -10.15
C THR A 119 -14.87 -10.06 -10.27
N HIS A 120 -14.71 -8.77 -9.96
CA HIS A 120 -13.37 -8.16 -10.07
C HIS A 120 -12.41 -8.81 -9.10
N ILE A 121 -12.79 -8.86 -7.82
CA ILE A 121 -11.91 -9.46 -6.80
C ILE A 121 -11.60 -10.91 -7.16
N THR A 122 -12.62 -11.70 -7.55
CA THR A 122 -12.36 -13.11 -7.75
C THR A 122 -11.49 -13.28 -9.00
N THR A 123 -11.68 -12.50 -10.05
CA THR A 123 -10.89 -12.63 -11.26
C THR A 123 -9.47 -12.22 -10.96
N VAL A 124 -9.25 -11.12 -10.21
CA VAL A 124 -7.88 -10.67 -9.92
C VAL A 124 -7.16 -11.73 -9.10
N LEU A 125 -7.75 -12.22 -8.03
CA LEU A 125 -7.05 -13.24 -7.25
C LEU A 125 -6.91 -14.55 -8.00
N ASP A 126 -7.89 -14.97 -8.75
CA ASP A 126 -7.76 -16.22 -9.49
C ASP A 126 -6.73 -16.04 -10.58
N HIS A 127 -6.53 -14.87 -11.17
CA HIS A 127 -5.53 -14.66 -12.20
C HIS A 127 -4.17 -14.98 -11.59
N PHE A 128 -3.81 -14.40 -10.44
CA PHE A 128 -2.43 -14.61 -9.91
C PHE A 128 -2.30 -16.03 -9.46
N LYS A 129 -3.29 -16.60 -8.86
CA LYS A 129 -3.20 -18.01 -8.41
C LYS A 129 -3.08 -18.94 -9.62
N THR A 130 -3.89 -18.79 -10.67
CA THR A 130 -3.77 -19.74 -11.78
C THR A 130 -2.58 -19.51 -12.62
N LYS A 131 -2.10 -18.32 -12.80
CA LYS A 131 -0.95 -18.10 -13.64
C LYS A 131 0.34 -18.45 -12.92
N TYR A 132 0.45 -18.15 -11.62
CA TYR A 132 1.74 -18.29 -10.91
C TYR A 132 1.74 -19.40 -9.92
N GLY A 133 0.58 -19.86 -9.46
CA GLY A 133 0.51 -20.98 -8.50
C GLY A 133 1.32 -20.76 -7.28
N SER A 134 2.11 -21.77 -6.94
CA SER A 134 2.91 -21.68 -5.71
C SER A 134 4.03 -20.61 -5.84
N GLN A 135 4.35 -20.16 -7.04
CA GLN A 135 5.35 -19.11 -7.19
C GLN A 135 4.74 -17.68 -7.02
N ASN A 136 3.42 -17.58 -6.89
CA ASN A 136 2.79 -16.22 -6.67
C ASN A 136 3.52 -15.58 -5.47
N PRO A 137 4.14 -14.38 -5.74
CA PRO A 137 4.88 -13.72 -4.67
C PRO A 137 3.99 -12.87 -3.75
N ILE A 138 2.75 -12.63 -4.19
CA ILE A 138 1.81 -11.77 -3.39
C ILE A 138 1.42 -12.41 -2.09
N ILE A 139 1.70 -11.81 -0.96
CA ILE A 139 1.36 -12.42 0.32
C ILE A 139 0.06 -11.92 0.89
N GLY A 140 -0.43 -10.81 0.32
CA GLY A 140 -1.66 -10.21 0.85
C GLY A 140 -2.05 -9.04 -0.01
N TRP A 141 -3.31 -8.63 0.18
CA TRP A 141 -3.88 -7.50 -0.60
C TRP A 141 -4.46 -6.45 0.31
N ASP A 142 -4.38 -5.20 -0.17
CA ASP A 142 -5.19 -4.07 0.38
C ASP A 142 -6.56 -4.32 -0.29
N VAL A 143 -7.43 -4.92 0.48
CA VAL A 143 -8.77 -5.27 -0.01
C VAL A 143 -9.58 -4.00 -0.21
N VAL A 144 -9.57 -3.11 0.77
CA VAL A 144 -10.20 -1.80 0.59
C VAL A 144 -9.12 -0.77 0.97
N ASN A 145 -9.20 0.36 0.29
CA ASN A 145 -8.21 1.45 0.46
C ASN A 145 -8.92 2.76 0.75
N ALA A 146 -8.49 3.44 1.78
CA ALA A 146 -8.98 4.81 2.09
C ALA A 146 -10.44 4.93 2.23
N VAL A 147 -11.08 4.05 2.98
CA VAL A 147 -12.52 4.08 3.15
C VAL A 147 -13.04 5.02 4.21
N LEU A 148 -12.15 5.66 4.96
CA LEU A 148 -12.56 6.64 5.97
C LEU A 148 -12.38 8.01 5.46
N ASP A 149 -13.24 8.93 5.86
CA ASP A 149 -13.02 10.34 5.53
C ASP A 149 -12.13 11.00 6.59
N ASP A 150 -11.82 12.31 6.39
CA ASP A 150 -10.89 12.99 7.31
C ASP A 150 -11.44 13.03 8.75
N ASN A 151 -12.75 12.96 8.92
CA ASN A 151 -13.33 13.05 10.24
C ASN A 151 -13.58 11.68 10.82
N GLY A 152 -13.16 10.63 10.14
CA GLY A 152 -13.40 9.30 10.65
C GLY A 152 -14.71 8.69 10.27
N ASN A 153 -15.59 9.37 9.58
CA ASN A 153 -16.81 8.72 9.13
C ASN A 153 -16.46 7.92 7.87
N LEU A 154 -17.34 7.04 7.45
CA LEU A 154 -17.13 6.31 6.19
C LEU A 154 -17.18 7.31 5.06
N ARG A 155 -16.17 7.28 4.22
CA ARG A 155 -16.07 8.15 3.02
C ARG A 155 -17.28 7.86 2.11
N ASN A 156 -17.93 8.94 1.69
CA ASN A 156 -19.13 8.80 0.87
C ASN A 156 -18.84 8.63 -0.60
N SER A 157 -18.10 7.57 -0.92
CA SER A 157 -17.79 7.20 -2.29
C SER A 157 -19.00 6.55 -2.93
N LYS A 158 -18.88 6.30 -4.24
CA LYS A 158 -19.99 5.61 -4.90
C LYS A 158 -20.24 4.24 -4.33
N TRP A 159 -19.21 3.58 -3.79
CA TRP A 159 -19.44 2.27 -3.14
C TRP A 159 -20.40 2.46 -1.94
N LEU A 160 -20.17 3.46 -1.10
CA LEU A 160 -21.05 3.65 0.04
C LEU A 160 -22.41 4.13 -0.42
N GLN A 161 -22.50 5.00 -1.40
CA GLN A 161 -23.82 5.51 -1.87
C GLN A 161 -24.68 4.45 -2.41
N ILE A 162 -24.12 3.57 -3.25
CA ILE A 162 -24.94 2.54 -3.92
C ILE A 162 -25.25 1.35 -3.07
N ILE A 163 -24.22 0.86 -2.34
CA ILE A 163 -24.40 -0.40 -1.56
C ILE A 163 -24.75 -0.15 -0.12
N GLY A 164 -24.13 0.83 0.54
CA GLY A 164 -24.30 0.97 1.97
C GLY A 164 -23.05 0.55 2.70
N PRO A 165 -23.06 0.69 4.02
CA PRO A 165 -21.84 0.43 4.83
C PRO A 165 -21.31 -0.95 4.84
N ASP A 166 -22.04 -1.97 4.47
CA ASP A 166 -21.53 -3.34 4.46
C ASP A 166 -20.74 -3.68 3.21
N TYR A 167 -20.49 -2.68 2.33
CA TYR A 167 -19.69 -3.00 1.14
C TYR A 167 -18.27 -3.43 1.57
N ILE A 168 -17.79 -2.87 2.71
CA ILE A 168 -16.44 -3.24 3.19
C ILE A 168 -16.35 -4.72 3.59
N GLU A 169 -17.28 -5.17 4.39
CA GLU A 169 -17.30 -6.56 4.75
C GLU A 169 -17.49 -7.46 3.55
N LYS A 170 -18.34 -7.06 2.59
CA LYS A 170 -18.47 -7.88 1.40
C LYS A 170 -17.19 -7.99 0.61
N ALA A 171 -16.42 -6.91 0.47
CA ALA A 171 -15.13 -7.01 -0.24
C ALA A 171 -14.21 -8.05 0.43
N PHE A 172 -14.13 -7.97 1.77
CA PHE A 172 -13.31 -8.98 2.49
C PHE A 172 -13.83 -10.43 2.33
N GLU A 173 -15.17 -10.58 2.37
CA GLU A 173 -15.74 -11.94 2.17
C GLU A 173 -15.39 -12.46 0.80
N TYR A 174 -15.48 -11.62 -0.25
CA TYR A 174 -15.18 -12.07 -1.60
C TYR A 174 -13.72 -12.41 -1.76
N ALA A 175 -12.83 -11.59 -1.19
CA ALA A 175 -11.38 -11.86 -1.28
C ALA A 175 -11.01 -13.14 -0.54
N HIS A 176 -11.56 -13.30 0.66
CA HIS A 176 -11.27 -14.51 1.45
C HIS A 176 -11.77 -15.79 0.77
N GLU A 177 -12.92 -15.72 0.12
CA GLU A 177 -13.42 -16.91 -0.60
C GLU A 177 -12.56 -17.17 -1.80
N ALA A 178 -12.10 -16.13 -2.53
CA ALA A 178 -11.30 -16.38 -3.72
C ALA A 178 -9.93 -16.96 -3.40
N ASP A 179 -9.27 -16.45 -2.36
CA ASP A 179 -7.95 -17.01 -2.07
C ASP A 179 -7.73 -16.91 -0.56
N PRO A 180 -8.03 -17.98 0.21
CA PRO A 180 -7.81 -17.96 1.66
C PRO A 180 -6.32 -17.95 2.06
N SER A 181 -5.40 -18.07 1.13
CA SER A 181 -3.99 -17.97 1.49
C SER A 181 -3.52 -16.53 1.60
N MET A 182 -4.32 -15.56 1.12
CA MET A 182 -3.89 -14.17 1.17
C MET A 182 -4.24 -13.51 2.48
N LYS A 183 -3.27 -12.76 3.02
CA LYS A 183 -3.57 -11.91 4.14
C LYS A 183 -4.36 -10.68 3.64
N LEU A 184 -5.42 -10.34 4.34
CA LEU A 184 -6.33 -9.25 3.86
C LEU A 184 -6.22 -8.04 4.74
N PHE A 185 -5.90 -6.93 4.06
CA PHE A 185 -5.67 -5.67 4.76
C PHE A 185 -6.71 -4.58 4.43
N ILE A 186 -7.01 -3.74 5.42
CA ILE A 186 -7.68 -2.45 5.16
C ILE A 186 -6.56 -1.42 5.27
N ASN A 187 -6.42 -0.55 4.29
CA ASN A 187 -5.27 0.35 4.22
C ASN A 187 -5.75 1.80 4.27
N ASP A 188 -4.99 2.67 4.99
CA ASP A 188 -5.43 4.09 5.01
C ASP A 188 -4.32 4.98 5.48
N TYR A 189 -4.50 6.27 5.16
CA TYR A 189 -3.55 7.34 5.56
C TYR A 189 -4.12 8.13 6.68
N ASN A 190 -3.24 8.87 7.36
CA ASN A 190 -3.55 9.71 8.54
C ASN A 190 -3.98 8.93 9.74
N ILE A 191 -4.02 7.63 9.72
CA ILE A 191 -4.33 6.81 10.89
C ILE A 191 -3.11 6.64 11.80
N GLU A 192 -2.00 7.28 11.46
CA GLU A 192 -0.82 7.27 12.33
C GLU A 192 -0.79 8.54 13.22
N ASN A 193 -1.79 9.44 13.09
CA ASN A 193 -1.69 10.69 13.83
C ASN A 193 -2.33 10.67 15.21
N ASN A 194 -2.91 9.57 15.61
CA ASN A 194 -3.58 9.40 16.90
C ASN A 194 -4.70 10.42 17.07
N GLY A 195 -5.45 10.74 16.00
CA GLY A 195 -6.58 11.68 16.04
C GLY A 195 -7.88 10.90 15.87
N VAL A 196 -8.94 11.58 15.41
CA VAL A 196 -10.20 10.97 15.23
C VAL A 196 -10.16 9.85 14.15
N LYS A 197 -9.32 10.00 13.14
CA LYS A 197 -9.28 8.95 12.12
C LYS A 197 -8.66 7.66 12.66
N THR A 198 -7.60 7.75 13.46
CA THR A 198 -7.02 6.53 14.11
C THR A 198 -8.12 5.84 14.91
N GLN A 199 -8.87 6.62 15.71
CA GLN A 199 -9.89 6.02 16.54
C GLN A 199 -10.97 5.42 15.70
N ALA A 200 -11.32 6.04 14.56
CA ALA A 200 -12.37 5.48 13.73
C ALA A 200 -11.88 4.18 13.06
N MET A 201 -10.60 4.11 12.68
CA MET A 201 -10.10 2.85 12.10
C MET A 201 -10.15 1.75 13.14
N TYR A 202 -9.72 2.10 14.35
CA TYR A 202 -9.78 1.05 15.45
C TYR A 202 -11.23 0.63 15.65
N ASP A 203 -12.17 1.58 15.69
CA ASP A 203 -13.56 1.20 15.94
C ASP A 203 -14.12 0.33 14.83
N LEU A 204 -13.79 0.68 13.58
CA LEU A 204 -14.33 -0.06 12.44
C LEU A 204 -13.75 -1.51 12.42
N VAL A 205 -12.44 -1.65 12.58
CA VAL A 205 -11.87 -2.99 12.54
C VAL A 205 -12.37 -3.81 13.76
N LYS A 206 -12.47 -3.20 14.93
CA LYS A 206 -12.96 -3.93 16.08
C LYS A 206 -14.35 -4.48 15.75
N LYS A 207 -15.21 -3.65 15.19
CA LYS A 207 -16.59 -4.05 14.85
C LYS A 207 -16.62 -5.10 13.88
N LEU A 208 -15.90 -4.94 12.76
CA LEU A 208 -15.95 -5.95 11.71
C LEU A 208 -15.34 -7.24 12.09
N LYS A 209 -14.21 -7.22 12.78
CA LYS A 209 -13.66 -8.47 13.24
C LYS A 209 -14.57 -9.20 14.22
N ASN A 210 -15.23 -8.48 15.08
CA ASN A 210 -16.17 -9.14 16.02
C ASN A 210 -17.32 -9.76 15.29
N GLU A 211 -17.66 -9.28 14.11
CA GLU A 211 -18.72 -9.82 13.26
C GLU A 211 -18.18 -10.93 12.37
N GLY A 212 -16.94 -11.36 12.53
CA GLY A 212 -16.43 -12.46 11.76
C GLY A 212 -15.85 -12.07 10.39
N VAL A 213 -15.73 -10.79 10.11
CA VAL A 213 -15.16 -10.37 8.75
C VAL A 213 -13.67 -10.80 8.79
N PRO A 214 -13.20 -11.41 7.72
CA PRO A 214 -11.80 -11.91 7.68
C PRO A 214 -10.71 -10.88 7.43
N ILE A 215 -10.62 -9.89 8.28
CA ILE A 215 -9.58 -8.84 8.14
C ILE A 215 -8.37 -9.36 8.92
N ASN A 216 -7.23 -9.49 8.28
CA ASN A 216 -6.02 -9.96 8.95
C ASN A 216 -5.08 -8.82 9.34
N GLY A 217 -5.23 -7.64 8.73
CA GLY A 217 -4.23 -6.59 9.00
C GLY A 217 -4.75 -5.20 8.69
N ILE A 218 -4.04 -4.24 9.25
CA ILE A 218 -4.26 -2.85 8.95
C ILE A 218 -3.01 -2.33 8.31
N GLY A 219 -3.19 -1.74 7.12
CA GLY A 219 -2.11 -1.02 6.43
C GLY A 219 -2.12 0.43 6.81
N MET A 220 -1.02 0.91 7.36
CA MET A 220 -0.85 2.31 7.70
C MET A 220 0.03 2.87 6.60
N GLN A 221 -0.63 3.63 5.68
CA GLN A 221 0.08 4.21 4.53
C GLN A 221 1.36 4.99 4.95
N MET A 222 1.21 5.75 6.02
CA MET A 222 2.36 6.46 6.57
C MET A 222 2.91 7.47 5.56
N HIS A 223 2.00 8.21 4.89
CA HIS A 223 2.47 9.37 4.11
C HIS A 223 2.64 10.48 5.15
N ILE A 224 3.79 10.46 5.83
CA ILE A 224 4.08 11.39 6.92
C ILE A 224 4.73 12.68 6.39
N SER A 225 4.98 13.60 7.29
CA SER A 225 5.66 14.84 6.86
C SER A 225 6.80 15.09 7.79
N ILE A 226 7.62 16.08 7.39
CA ILE A 226 8.75 16.47 8.23
C ILE A 226 8.29 16.99 9.56
N ASN A 227 7.05 17.32 9.72
CA ASN A 227 6.48 17.78 11.01
C ASN A 227 5.73 16.72 11.78
N SER A 228 5.73 15.45 11.29
CA SER A 228 4.99 14.41 12.00
C SER A 228 5.56 14.15 13.40
N ASN A 229 4.68 13.70 14.28
CA ASN A 229 5.03 13.48 15.69
C ASN A 229 5.18 11.99 15.98
N ILE A 230 6.39 11.59 16.30
CA ILE A 230 6.68 10.16 16.59
C ILE A 230 5.82 9.59 17.73
N ASP A 231 5.58 10.40 18.77
CA ASP A 231 4.76 9.91 19.87
C ASP A 231 3.35 9.50 19.39
N ASN A 232 2.83 10.32 18.47
CA ASN A 232 1.51 10.01 17.95
C ASN A 232 1.49 8.74 17.06
N ILE A 233 2.55 8.56 16.29
CA ILE A 233 2.67 7.35 15.45
C ILE A 233 2.79 6.13 16.40
N LYS A 234 3.63 6.24 17.47
CA LYS A 234 3.72 5.09 18.36
C LYS A 234 2.36 4.77 19.05
N ALA A 235 1.65 5.80 19.52
CA ALA A 235 0.35 5.54 20.18
C ALA A 235 -0.67 4.92 19.18
N SER A 236 -0.58 5.35 17.90
CA SER A 236 -1.51 4.79 16.86
C SER A 236 -1.19 3.33 16.58
N ILE A 237 0.10 3.02 16.43
CA ILE A 237 0.44 1.62 16.24
C ILE A 237 -0.03 0.76 17.43
N GLU A 238 0.23 1.23 18.64
CA GLU A 238 -0.19 0.45 19.79
C GLU A 238 -1.70 0.27 19.82
N LYS A 239 -2.45 1.31 19.52
CA LYS A 239 -3.91 1.19 19.57
C LYS A 239 -4.46 0.23 18.53
N LEU A 240 -3.96 0.37 17.29
CA LEU A 240 -4.43 -0.50 16.23
C LEU A 240 -4.00 -1.96 16.44
N ALA A 241 -2.78 -2.09 16.96
CA ALA A 241 -2.26 -3.44 17.23
C ALA A 241 -3.03 -4.18 18.33
N SER A 242 -3.70 -3.44 19.20
CA SER A 242 -4.47 -4.12 20.24
C SER A 242 -5.63 -4.92 19.73
N LEU A 243 -5.98 -4.77 18.44
CA LEU A 243 -7.04 -5.55 17.84
C LEU A 243 -6.60 -6.96 17.43
N GLY A 244 -5.32 -7.28 17.58
CA GLY A 244 -4.92 -8.61 17.18
C GLY A 244 -4.81 -8.81 15.69
N VAL A 245 -4.44 -7.74 14.99
CA VAL A 245 -4.19 -7.79 13.54
C VAL A 245 -2.75 -7.46 13.27
N GLU A 246 -2.25 -7.86 12.13
CA GLU A 246 -0.92 -7.47 11.67
C GLU A 246 -0.95 -6.00 11.31
N ILE A 247 0.14 -5.30 11.48
CA ILE A 247 0.27 -3.93 11.02
C ILE A 247 1.31 -3.94 9.91
N GLN A 248 1.04 -3.32 8.75
CA GLN A 248 2.09 -3.10 7.74
C GLN A 248 2.16 -1.63 7.48
N VAL A 249 3.36 -1.12 7.34
CA VAL A 249 3.59 0.31 6.93
C VAL A 249 3.70 0.18 5.44
N THR A 250 2.70 0.73 4.73
CA THR A 250 2.50 0.38 3.33
C THR A 250 2.96 1.34 2.26
N GLU A 251 3.07 2.64 2.59
CA GLU A 251 3.32 3.64 1.54
C GLU A 251 4.16 4.80 2.10
N LEU A 252 5.23 4.41 2.83
CA LEU A 252 6.02 5.38 3.53
C LEU A 252 6.73 6.33 2.59
N ASP A 253 6.55 7.62 2.96
CA ASP A 253 7.34 8.72 2.36
C ASP A 253 7.13 9.90 3.31
N MET A 254 8.00 10.92 3.05
CA MET A 254 8.01 12.09 3.94
C MET A 254 7.89 13.38 3.19
N ASN A 255 6.76 13.99 3.36
CA ASN A 255 6.50 15.30 2.69
C ASN A 255 7.31 16.40 3.43
N MET A 256 8.13 17.04 2.61
CA MET A 256 9.05 18.07 3.13
C MET A 256 8.42 19.44 3.11
N ASN A 257 7.17 19.59 2.72
CA ASN A 257 6.51 20.89 2.75
C ASN A 257 7.32 21.98 1.96
N GLY A 258 7.92 21.59 0.88
CA GLY A 258 8.64 22.58 0.01
C GLY A 258 10.06 22.86 0.45
N ASP A 259 10.50 22.35 1.61
CA ASP A 259 11.83 22.64 2.10
C ASP A 259 12.75 21.47 1.89
N VAL A 260 13.52 21.52 0.85
CA VAL A 260 14.48 20.54 0.47
C VAL A 260 15.95 20.91 0.71
N SER A 261 16.07 21.92 1.59
CA SER A 261 17.45 22.42 1.95
C SER A 261 18.27 21.36 2.65
N ASN A 262 19.59 21.59 2.71
CA ASN A 262 20.44 20.64 3.38
C ASN A 262 20.01 20.50 4.82
N ASP A 263 19.68 21.59 5.50
CA ASP A 263 19.24 21.49 6.88
C ASP A 263 17.99 20.59 7.00
N ALA A 264 17.05 20.73 6.07
CA ALA A 264 15.88 19.89 6.12
C ALA A 264 16.27 18.43 5.87
N LEU A 265 17.21 18.12 5.00
CA LEU A 265 17.60 16.74 4.81
C LEU A 265 18.17 16.17 6.11
N LEU A 266 18.86 16.98 6.94
CA LEU A 266 19.42 16.47 8.22
C LEU A 266 18.27 16.26 9.19
N LYS A 267 17.26 17.10 9.23
CA LYS A 267 16.09 16.94 10.06
C LYS A 267 15.33 15.66 9.60
N GLN A 268 15.23 15.48 8.29
CA GLN A 268 14.60 14.26 7.75
C GLN A 268 15.35 13.01 8.23
N ALA A 269 16.65 13.02 8.21
CA ALA A 269 17.44 11.88 8.67
C ALA A 269 17.17 11.58 10.16
N ARG A 270 17.10 12.57 11.00
CA ARG A 270 16.85 12.33 12.41
C ARG A 270 15.46 11.76 12.57
N LEU A 271 14.47 12.26 11.81
CA LEU A 271 13.09 11.78 11.96
C LEU A 271 12.97 10.33 11.41
N TYR A 272 13.55 10.05 10.27
CA TYR A 272 13.53 8.68 9.76
C TYR A 272 14.23 7.74 10.74
N LYS A 273 15.31 8.18 11.40
CA LYS A 273 15.97 7.29 12.36
C LYS A 273 15.02 7.04 13.52
N GLN A 274 14.35 8.03 14.07
CA GLN A 274 13.39 7.78 15.12
C GLN A 274 12.25 6.87 14.68
N LEU A 275 11.83 7.02 13.43
CA LEU A 275 10.71 6.23 12.94
C LEU A 275 11.12 4.79 12.82
N PHE A 276 12.27 4.52 12.28
CA PHE A 276 12.69 3.13 12.18
C PHE A 276 13.07 2.55 13.53
N ASP A 277 13.54 3.31 14.46
CA ASP A 277 13.75 2.71 15.81
C ASP A 277 12.40 2.29 16.37
N LEU A 278 11.35 3.11 16.14
CA LEU A 278 10.00 2.77 16.61
C LEU A 278 9.51 1.53 15.90
N PHE A 279 9.69 1.39 14.60
CA PHE A 279 9.19 0.24 13.88
C PHE A 279 9.92 -1.01 14.43
N LYS A 280 11.24 -0.91 14.64
CA LYS A 280 11.98 -2.08 15.18
C LYS A 280 11.47 -2.38 16.58
N ALA A 281 11.16 -1.42 17.40
CA ALA A 281 10.66 -1.70 18.74
C ALA A 281 9.28 -2.38 18.68
N GLU A 282 8.51 -2.17 17.60
CA GLU A 282 7.17 -2.75 17.43
C GLU A 282 7.15 -3.88 16.50
N LYS A 283 8.28 -4.58 16.35
CA LYS A 283 8.41 -5.65 15.45
C LYS A 283 7.43 -6.86 15.73
N GLN A 284 6.95 -6.94 16.96
CA GLN A 284 5.97 -7.99 17.28
C GLN A 284 4.64 -7.75 16.56
N TYR A 285 4.40 -6.53 16.04
CA TYR A 285 3.15 -6.19 15.32
C TYR A 285 3.39 -5.92 13.87
N ILE A 286 4.53 -5.33 13.51
CA ILE A 286 4.75 -4.88 12.16
C ILE A 286 5.33 -5.99 11.31
N THR A 287 4.75 -6.32 10.16
CA THR A 287 5.23 -7.43 9.34
C THR A 287 5.75 -7.03 8.00
N ALA A 288 5.81 -5.68 7.71
CA ALA A 288 6.39 -5.18 6.45
C ALA A 288 6.42 -3.67 6.55
N VAL A 289 7.47 -3.12 5.92
CA VAL A 289 7.60 -1.63 5.78
C VAL A 289 7.93 -1.41 4.32
N VAL A 290 7.05 -0.66 3.61
CA VAL A 290 7.24 -0.41 2.20
C VAL A 290 7.28 1.11 1.95
N PHE A 291 8.22 1.54 1.11
CA PHE A 291 8.35 2.93 0.71
C PHE A 291 7.58 3.15 -0.57
N TRP A 292 6.94 4.32 -0.65
CA TRP A 292 6.11 4.64 -1.83
C TRP A 292 6.93 5.32 -2.90
N GLY A 293 7.79 4.56 -3.55
CA GLY A 293 8.63 5.05 -4.65
C GLY A 293 10.11 4.72 -4.41
N VAL A 294 10.81 4.54 -5.53
CA VAL A 294 12.25 4.09 -5.45
C VAL A 294 13.20 5.23 -5.08
N SER A 295 12.97 6.40 -5.60
CA SER A 295 13.91 7.54 -5.40
C SER A 295 13.12 8.82 -5.62
N ASP A 296 13.67 9.95 -5.11
CA ASP A 296 12.89 11.19 -5.07
C ASP A 296 12.37 11.66 -6.39
N ASP A 297 13.15 11.45 -7.45
CA ASP A 297 12.74 11.90 -8.78
C ASP A 297 11.49 11.18 -9.31
N VAL A 298 11.17 10.01 -8.78
CA VAL A 298 9.93 9.30 -9.21
C VAL A 298 8.87 9.29 -8.14
N SER A 299 8.97 10.13 -7.11
CA SER A 299 7.91 10.22 -6.12
C SER A 299 6.68 10.88 -6.71
N TRP A 300 5.52 10.42 -6.21
CA TRP A 300 4.24 10.98 -6.62
C TRP A 300 3.99 12.34 -6.05
N LEU A 301 4.71 12.78 -5.03
CA LEU A 301 4.44 14.10 -4.43
C LEU A 301 4.90 15.20 -5.44
N SER A 302 4.17 16.29 -5.48
CA SER A 302 4.54 17.40 -6.40
C SER A 302 5.83 18.08 -5.87
N LYS A 303 6.46 18.76 -6.80
CA LYS A 303 7.77 19.38 -6.61
C LYS A 303 7.61 20.75 -6.04
N PRO A 304 8.59 21.20 -5.29
CA PRO A 304 9.83 20.47 -4.95
C PRO A 304 9.57 19.49 -3.77
N ASN A 305 10.31 18.38 -3.79
CA ASN A 305 10.19 17.41 -2.71
C ASN A 305 11.47 16.67 -2.61
N ALA A 306 11.56 15.93 -1.50
CA ALA A 306 12.69 14.96 -1.28
C ALA A 306 12.19 14.00 -0.23
N PRO A 307 11.27 13.09 -0.63
CA PRO A 307 10.62 12.25 0.37
C PRO A 307 11.18 10.92 0.82
N LEU A 308 12.20 10.42 0.15
CA LEU A 308 12.61 9.02 0.30
C LEU A 308 14.06 8.94 0.78
N LEU A 309 14.62 7.73 0.76
CA LEU A 309 16.02 7.55 1.20
C LEU A 309 17.03 7.73 0.10
N PHE A 310 16.62 7.73 -1.15
CA PHE A 310 17.50 7.92 -2.31
C PHE A 310 17.03 9.17 -3.03
N ASP A 311 18.02 10.01 -3.41
CA ASP A 311 17.69 11.32 -3.96
C ASP A 311 17.37 11.27 -5.46
N SER A 312 17.23 12.45 -6.04
CA SER A 312 16.88 12.59 -7.44
C SER A 312 17.98 12.18 -8.40
N LYS A 313 19.16 11.92 -7.86
CA LYS A 313 20.29 11.34 -8.63
C LYS A 313 20.60 9.91 -8.21
N LEU A 314 19.64 9.33 -7.48
CA LEU A 314 19.67 7.93 -7.02
C LEU A 314 20.70 7.63 -5.98
N GLN A 315 21.20 8.69 -5.35
CA GLN A 315 22.23 8.50 -4.32
C GLN A 315 21.64 8.40 -2.93
N ALA A 316 22.27 7.64 -2.06
CA ALA A 316 21.80 7.52 -0.68
C ALA A 316 21.86 8.84 0.06
N LYS A 317 20.78 9.20 0.72
CA LYS A 317 20.69 10.47 1.44
C LYS A 317 21.07 10.33 2.90
N PRO A 318 21.15 11.45 3.63
CA PRO A 318 21.51 11.34 5.06
C PRO A 318 20.58 10.38 5.77
N ALA A 319 19.31 10.35 5.36
CA ALA A 319 18.38 9.43 6.01
C ALA A 319 18.72 7.95 5.85
N TYR A 320 19.26 7.59 4.69
CA TYR A 320 19.67 6.23 4.46
C TYR A 320 20.77 5.86 5.48
N TRP A 321 21.76 6.74 5.61
CA TRP A 321 22.89 6.43 6.53
C TRP A 321 22.43 6.45 7.94
N ALA A 322 21.48 7.28 8.33
CA ALA A 322 21.02 7.31 9.69
C ALA A 322 20.32 6.01 10.06
N ILE A 323 19.69 5.33 9.12
CA ILE A 323 18.94 4.13 9.47
C ILE A 323 19.81 2.88 9.35
N VAL A 324 20.81 2.91 8.49
CA VAL A 324 21.66 1.70 8.33
C VAL A 324 22.80 1.77 9.35
#